data_6YNU
#
_entry.id   6YNU
#
_cell.length_a   73.341
_cell.length_b   174.344
_cell.length_c   97.843
_cell.angle_alpha   90.000
_cell.angle_beta   90.000
_cell.angle_gamma   90.000
#
_symmetry.space_group_name_H-M   'C 2 2 21'
#
loop_
_entity.id
_entity.type
_entity.pdbx_description
1 polymer Calmodulin-1
2 polymer 'Bifunctional adenylate cyclase toxin/hemolysin CyaA'
3 non-polymer 'CALCIUM ION'
#
loop_
_entity_poly.entity_id
_entity_poly.type
_entity_poly.pdbx_seq_one_letter_code
_entity_poly.pdbx_strand_id
1 'polypeptide(L)'
;ADQLTEEQIAEFKEAFSLFDKDGDGTITTKELGTVMRSLGQNPTEAELQDMINEVDADGNGTIDFPEFLTMMARKMKDTD
SEEEIREAFRVFDKDGNGYISAAELRHVMTNLGEKLTDEEVDEMIREADIDGDGQVNYEEFVQMMTAK
;
A,C
2 'polypeptide(L)' WGQRALQGAQAVAAAQRLVHAIAL B,D
#
# COMPACT_ATOMS: atom_id res chain seq x y z
N GLN A 3 2.61 6.96 14.73
CA GLN A 3 2.49 7.19 13.29
C GLN A 3 2.38 8.68 13.01
N LEU A 4 1.42 9.34 13.63
CA LEU A 4 1.18 10.77 13.44
C LEU A 4 1.89 11.58 14.52
N THR A 5 2.54 12.69 14.14
CA THR A 5 3.32 13.48 15.09
C THR A 5 2.67 14.84 15.35
N GLU A 6 2.99 15.40 16.53
CA GLU A 6 2.47 16.73 16.88
C GLU A 6 2.93 17.78 15.89
N GLU A 7 4.13 17.62 15.32
CA GLU A 7 4.61 18.58 14.33
C GLU A 7 3.79 18.46 13.06
N GLN A 8 3.34 17.24 12.77
CA GLN A 8 2.45 17.04 11.64
C GLN A 8 1.12 17.73 11.89
N ILE A 9 0.53 17.50 13.08
CA ILE A 9 -0.75 18.12 13.42
C ILE A 9 -0.64 19.64 13.35
N ALA A 10 0.53 20.16 13.73
CA ALA A 10 0.76 21.60 13.64
C ALA A 10 0.73 22.08 12.21
N GLU A 11 1.34 21.31 11.28
CA GLU A 11 1.27 21.71 9.87
C GLU A 11 -0.16 21.66 9.38
N PHE A 12 -0.90 20.63 9.79
CA PHE A 12 -2.28 20.49 9.37
C PHE A 12 -3.08 21.70 9.80
N LYS A 13 -2.93 22.07 11.08
CA LYS A 13 -3.67 23.16 11.69
C LYS A 13 -3.32 24.49 11.04
N GLU A 14 -2.02 24.72 10.80
CA GLU A 14 -1.64 25.99 10.19
C GLU A 14 -2.16 26.10 8.77
N ALA A 15 -2.14 25.02 8.00
CA ALA A 15 -2.68 25.09 6.64
C ALA A 15 -4.18 25.38 6.67
N PHE A 16 -4.89 24.76 7.62
CA PHE A 16 -6.32 25.00 7.78
C PHE A 16 -6.61 26.46 8.09
N SER A 17 -5.82 27.05 9.00
CA SER A 17 -6.04 28.45 9.36
C SER A 17 -5.69 29.38 8.22
N LEU A 18 -4.69 29.02 7.41
CA LEU A 18 -4.41 29.84 6.24
C LEU A 18 -5.58 29.81 5.26
N PHE A 19 -6.41 28.76 5.31
CA PHE A 19 -7.62 28.90 4.53
C PHE A 19 -8.70 29.61 5.33
N ASP A 20 -8.93 29.15 6.56
CA ASP A 20 -9.95 29.67 7.47
C ASP A 20 -9.47 30.96 8.16
N LYS A 21 -9.32 31.99 7.34
CA LYS A 21 -8.68 33.22 7.80
C LYS A 21 -9.48 33.93 8.89
N ASP A 22 -10.80 33.72 8.93
CA ASP A 22 -11.68 34.35 9.91
C ASP A 22 -11.71 33.61 11.23
N GLY A 23 -11.40 32.32 11.25
CA GLY A 23 -11.33 31.55 12.49
C GLY A 23 -12.60 30.87 12.95
N ASP A 24 -13.60 30.77 12.10
CA ASP A 24 -14.86 30.12 12.45
C ASP A 24 -14.80 28.60 12.39
N GLY A 25 -13.64 28.01 12.09
CA GLY A 25 -13.47 26.57 12.04
C GLY A 25 -13.89 25.91 10.76
N THR A 26 -14.33 26.70 9.78
CA THR A 26 -14.80 26.14 8.52
C THR A 26 -14.24 26.96 7.37
N ILE A 27 -13.89 26.29 6.28
CA ILE A 27 -13.37 26.92 5.07
C ILE A 27 -14.52 27.09 4.09
N THR A 28 -14.94 28.32 3.87
CA THR A 28 -15.99 28.52 2.88
C THR A 28 -15.38 28.69 1.50
N THR A 29 -16.25 28.63 0.49
CA THR A 29 -15.84 28.81 -0.90
C THR A 29 -15.22 30.18 -1.13
N LYS A 30 -15.70 31.19 -0.42
CA LYS A 30 -15.13 32.52 -0.53
C LYS A 30 -13.66 32.51 -0.09
N GLU A 31 -13.37 31.97 1.10
CA GLU A 31 -11.99 31.92 1.57
C GLU A 31 -11.14 31.07 0.66
N LEU A 32 -11.67 29.89 0.33
CA LEU A 32 -11.00 28.98 -0.59
C LEU A 32 -10.71 29.65 -1.91
N GLY A 33 -11.64 30.45 -2.40
CA GLY A 33 -11.40 31.13 -3.65
C GLY A 33 -10.29 32.16 -3.52
N THR A 34 -10.39 32.99 -2.48
CA THR A 34 -9.40 34.06 -2.28
C THR A 34 -7.97 33.52 -2.21
N VAL A 35 -7.77 32.35 -1.63
CA VAL A 35 -6.38 31.90 -1.55
C VAL A 35 -5.86 31.47 -2.91
N MET A 36 -6.70 30.77 -3.69
CA MET A 36 -6.34 30.42 -5.05
C MET A 36 -6.08 31.67 -5.86
N ARG A 37 -6.90 32.69 -5.65
CA ARG A 37 -6.82 33.95 -6.37
C ARG A 37 -5.47 34.61 -6.10
N SER A 38 -5.11 34.73 -4.83
CA SER A 38 -3.82 35.30 -4.45
C SER A 38 -2.64 34.53 -5.01
N LEU A 39 -2.89 33.34 -5.56
CA LEU A 39 -1.84 32.54 -6.17
C LEU A 39 -2.13 32.37 -7.64
N GLY A 40 -2.50 33.45 -8.33
CA GLY A 40 -2.60 33.28 -9.76
C GLY A 40 -3.96 32.71 -10.11
N GLN A 41 -3.95 31.44 -10.54
CA GLN A 41 -5.13 30.68 -10.96
C GLN A 41 -6.41 31.25 -10.35
N ASN A 42 -7.41 31.45 -11.21
CA ASN A 42 -8.71 32.01 -10.86
C ASN A 42 -9.81 31.02 -11.20
N PRO A 43 -10.54 30.57 -10.23
CA PRO A 43 -11.61 29.61 -10.47
C PRO A 43 -12.98 30.26 -10.48
N THR A 44 -14.00 29.47 -10.73
CA THR A 44 -15.38 29.93 -10.64
C THR A 44 -16.01 29.30 -9.41
N GLU A 45 -17.08 29.91 -8.89
CA GLU A 45 -17.73 29.33 -7.72
C GLU A 45 -18.28 27.95 -7.99
N ALA A 46 -18.52 27.60 -9.25
CA ALA A 46 -18.88 26.22 -9.53
C ALA A 46 -17.71 25.29 -9.26
N GLU A 47 -16.52 25.66 -9.73
CA GLU A 47 -15.32 24.88 -9.48
C GLU A 47 -15.07 24.76 -7.98
N LEU A 48 -15.29 25.87 -7.27
CA LEU A 48 -15.16 25.92 -5.81
C LEU A 48 -16.14 24.97 -5.14
N GLN A 49 -17.40 25.00 -5.57
CA GLN A 49 -18.40 24.16 -4.95
C GLN A 49 -18.09 22.68 -5.21
N ASP A 50 -17.55 22.35 -6.39
CA ASP A 50 -17.17 20.97 -6.68
C ASP A 50 -16.06 20.55 -5.74
N MET A 51 -15.14 21.48 -5.47
CA MET A 51 -14.04 21.21 -4.53
C MET A 51 -14.57 20.89 -3.14
N ILE A 52 -15.50 21.72 -2.64
CA ILE A 52 -16.04 21.47 -1.30
C ILE A 52 -16.83 20.18 -1.30
N ASN A 53 -17.58 19.93 -2.40
CA ASN A 53 -18.48 18.80 -2.58
C ASN A 53 -17.81 17.47 -2.49
N GLU A 54 -16.60 17.36 -3.06
CA GLU A 54 -15.95 16.06 -3.07
C GLU A 54 -15.65 15.59 -1.64
N VAL A 55 -15.45 16.51 -0.70
CA VAL A 55 -15.10 16.18 0.67
C VAL A 55 -16.19 16.54 1.69
N ASP A 56 -17.34 17.08 1.26
CA ASP A 56 -18.37 17.48 2.23
C ASP A 56 -19.12 16.29 2.78
N ALA A 57 -18.44 15.54 3.67
CA ALA A 57 -19.03 14.38 4.32
C ALA A 57 -20.37 14.70 5.02
N ASP A 58 -20.47 15.86 5.66
CA ASP A 58 -21.68 16.17 6.43
C ASP A 58 -22.79 16.83 5.60
N GLY A 59 -22.45 17.34 4.43
CA GLY A 59 -23.39 18.00 3.53
C GLY A 59 -23.71 19.43 3.93
N ASN A 60 -22.94 20.01 4.80
CA ASN A 60 -23.17 21.36 5.30
C ASN A 60 -22.57 22.45 4.43
N GLY A 61 -22.28 22.17 3.16
CA GLY A 61 -21.73 23.25 2.36
C GLY A 61 -20.37 23.80 2.75
N THR A 62 -19.71 23.29 3.78
CA THR A 62 -18.38 23.81 4.10
C THR A 62 -17.45 22.66 4.42
N ILE A 63 -16.18 23.00 4.61
CA ILE A 63 -15.14 22.04 4.95
C ILE A 63 -14.71 22.29 6.39
N ASP A 64 -14.97 21.32 7.25
CA ASP A 64 -14.44 21.41 8.60
C ASP A 64 -13.11 20.68 8.63
N PHE A 65 -12.50 20.60 9.80
CA PHE A 65 -11.14 20.09 9.90
C PHE A 65 -10.99 18.67 9.36
N PRO A 66 -11.69 17.65 9.87
CA PRO A 66 -11.47 16.30 9.31
C PRO A 66 -11.72 16.27 7.82
N GLU A 67 -12.64 17.11 7.33
CA GLU A 67 -12.87 17.16 5.89
C GLU A 67 -11.67 17.75 5.16
N PHE A 68 -10.99 18.71 5.76
CA PHE A 68 -9.78 19.25 5.18
C PHE A 68 -8.66 18.22 5.22
N LEU A 69 -8.66 17.38 6.25
CA LEU A 69 -7.66 16.33 6.29
C LEU A 69 -7.85 15.37 5.15
N THR A 70 -9.08 14.97 4.87
CA THR A 70 -9.33 14.10 3.72
C THR A 70 -8.95 14.80 2.42
N MET A 71 -9.40 16.05 2.23
CA MET A 71 -9.01 16.78 1.02
C MET A 71 -7.51 16.74 0.82
N MET A 72 -6.76 16.97 1.89
CA MET A 72 -5.30 16.95 1.86
C MET A 72 -4.78 15.57 1.44
N ALA A 73 -5.27 14.50 2.09
CA ALA A 73 -4.76 13.18 1.80
C ALA A 73 -4.99 12.82 0.34
N ARG A 74 -6.11 13.25 -0.22
CA ARG A 74 -6.42 12.94 -1.61
C ARG A 74 -5.53 13.72 -2.56
N LYS A 75 -5.27 15.00 -2.28
CA LYS A 75 -4.36 15.72 -3.16
C LYS A 75 -2.96 15.13 -3.08
N MET A 76 -2.55 14.70 -1.89
CA MET A 76 -1.22 14.13 -1.79
C MET A 76 -1.14 12.85 -2.59
N LYS A 77 -2.09 11.95 -2.39
CA LYS A 77 -2.09 10.70 -3.12
C LYS A 77 -2.17 10.94 -4.62
N ASP A 78 -3.04 11.87 -5.05
CA ASP A 78 -3.14 12.21 -6.47
C ASP A 78 -1.80 12.64 -7.03
N THR A 79 -1.08 13.49 -6.31
CA THR A 79 0.22 13.93 -6.81
C THR A 79 1.29 12.85 -6.69
N ASP A 80 1.15 11.92 -5.75
CA ASP A 80 2.10 10.80 -5.66
C ASP A 80 1.98 9.86 -6.85
N SER A 81 0.75 9.55 -7.24
CA SER A 81 0.53 8.71 -8.41
C SER A 81 0.94 9.44 -9.68
N GLU A 82 0.56 10.72 -9.80
CA GLU A 82 0.93 11.48 -10.98
C GLU A 82 2.45 11.56 -11.13
N GLU A 83 3.16 11.54 -10.00
CA GLU A 83 4.61 11.60 -10.10
C GLU A 83 5.25 10.23 -10.36
N GLU A 84 4.70 9.15 -9.80
CA GLU A 84 5.19 7.83 -10.14
C GLU A 84 5.04 7.58 -11.64
N ILE A 85 3.96 8.09 -12.22
CA ILE A 85 3.80 7.92 -13.66
C ILE A 85 4.80 8.79 -14.42
N ARG A 86 5.01 10.05 -14.01
CA ARG A 86 6.03 10.85 -14.69
C ARG A 86 7.41 10.21 -14.61
N GLU A 87 7.73 9.62 -13.47
CA GLU A 87 9.05 9.02 -13.30
C GLU A 87 9.21 7.80 -14.17
N ALA A 88 8.15 6.97 -14.23
CA ALA A 88 8.23 5.79 -15.10
C ALA A 88 8.38 6.21 -16.56
N PHE A 89 7.56 7.19 -16.99
CA PHE A 89 7.66 7.65 -18.37
C PHE A 89 9.09 8.08 -18.67
N ARG A 90 9.69 8.87 -17.77
CA ARG A 90 11.06 9.31 -18.02
C ARG A 90 12.05 8.18 -18.05
N VAL A 91 11.72 7.05 -17.40
CA VAL A 91 12.59 5.89 -17.50
C VAL A 91 12.46 5.26 -18.89
N PHE A 92 11.24 5.16 -19.40
CA PHE A 92 11.07 4.54 -20.71
C PHE A 92 11.55 5.46 -21.83
N ASP A 93 11.27 6.76 -21.76
CA ASP A 93 11.69 7.66 -22.83
C ASP A 93 13.17 8.02 -22.70
N LYS A 94 14.02 7.03 -22.98
CA LYS A 94 15.46 7.16 -22.81
C LYS A 94 16.06 8.40 -23.46
N ASP A 95 15.41 9.00 -24.47
CA ASP A 95 16.03 10.16 -25.11
C ASP A 95 15.41 11.49 -24.72
N GLY A 96 14.33 11.49 -23.95
CA GLY A 96 13.73 12.74 -23.56
C GLY A 96 12.93 13.42 -24.64
N ASN A 97 12.79 12.79 -25.81
CA ASN A 97 12.00 13.33 -26.90
C ASN A 97 10.49 13.27 -26.63
N GLY A 98 10.08 12.70 -25.50
CA GLY A 98 8.67 12.63 -25.19
C GLY A 98 7.94 11.49 -25.84
N TYR A 99 8.63 10.67 -26.63
CA TYR A 99 8.05 9.51 -27.28
C TYR A 99 8.86 8.30 -26.92
N ILE A 100 8.15 7.24 -26.57
CA ILE A 100 8.78 5.97 -26.32
C ILE A 100 8.80 5.24 -27.64
N SER A 101 9.99 4.91 -28.12
CA SER A 101 10.15 4.17 -29.35
C SER A 101 10.15 2.67 -29.05
N ALA A 102 10.02 1.89 -30.12
CA ALA A 102 10.08 0.44 -29.97
C ALA A 102 11.43 0.01 -29.44
N ALA A 103 12.48 0.70 -29.91
CA ALA A 103 13.82 0.40 -29.41
C ALA A 103 13.92 0.69 -27.93
N GLU A 104 13.39 1.83 -27.49
CA GLU A 104 13.54 2.21 -26.09
C GLU A 104 12.81 1.22 -25.19
N LEU A 105 11.61 0.84 -25.57
CA LEU A 105 10.89 -0.14 -24.76
C LEU A 105 11.65 -1.45 -24.72
N ARG A 106 12.22 -1.86 -25.87
CA ARG A 106 12.97 -3.11 -25.99
C ARG A 106 14.16 -3.12 -25.04
N HIS A 107 14.86 -1.98 -25.00
CA HIS A 107 16.07 -1.85 -24.20
C HIS A 107 15.73 -1.89 -22.73
N VAL A 108 14.81 -1.02 -22.30
CA VAL A 108 14.42 -0.97 -20.90
C VAL A 108 13.93 -2.32 -20.43
N MET A 109 13.08 -2.98 -21.24
CA MET A 109 12.51 -4.25 -20.80
C MET A 109 13.60 -5.29 -20.62
N THR A 110 14.52 -5.43 -21.58
CA THR A 110 15.53 -6.46 -21.31
C THR A 110 16.43 -6.04 -20.17
N ASN A 111 16.56 -4.73 -19.90
CA ASN A 111 17.32 -4.26 -18.75
C ASN A 111 16.65 -4.70 -17.45
N LEU A 112 15.33 -4.63 -17.42
CA LEU A 112 14.54 -5.03 -16.27
C LEU A 112 14.52 -6.54 -16.10
N GLY A 113 15.08 -7.27 -17.05
CA GLY A 113 15.14 -8.71 -17.00
C GLY A 113 14.13 -9.36 -17.91
N GLU A 114 13.12 -8.61 -18.33
CA GLU A 114 12.02 -9.14 -19.13
C GLU A 114 12.54 -9.57 -20.49
N LYS A 115 12.58 -10.89 -20.69
CA LYS A 115 12.98 -11.48 -21.95
C LYS A 115 11.75 -11.47 -22.85
N LEU A 116 11.48 -10.30 -23.42
CA LEU A 116 10.39 -10.17 -24.37
C LEU A 116 10.89 -10.27 -25.81
N THR A 117 10.09 -10.93 -26.63
CA THR A 117 10.43 -11.01 -28.04
C THR A 117 10.12 -9.67 -28.71
N ASP A 118 10.67 -9.47 -29.91
CA ASP A 118 10.39 -8.24 -30.64
C ASP A 118 8.91 -8.05 -30.85
N GLU A 119 8.21 -9.14 -31.18
CA GLU A 119 6.79 -9.08 -31.40
C GLU A 119 6.06 -8.70 -30.11
N GLU A 120 6.63 -9.05 -28.94
CA GLU A 120 6.01 -8.68 -27.66
C GLU A 120 6.13 -7.16 -27.42
N VAL A 121 7.26 -6.55 -27.79
CA VAL A 121 7.36 -5.11 -27.58
C VAL A 121 6.59 -4.32 -28.63
N ASP A 122 6.52 -4.81 -29.87
CA ASP A 122 5.69 -4.15 -30.87
C ASP A 122 4.22 -4.18 -30.45
N GLU A 123 3.83 -5.23 -29.72
CA GLU A 123 2.46 -5.31 -29.23
C GLU A 123 2.21 -4.30 -28.12
N MET A 124 3.16 -4.20 -27.17
CA MET A 124 2.99 -3.23 -26.11
C MET A 124 2.86 -1.82 -26.71
N ILE A 125 3.72 -1.51 -27.67
CA ILE A 125 3.71 -0.19 -28.30
C ILE A 125 2.39 0.02 -29.01
N ARG A 126 1.95 -0.98 -29.78
CA ARG A 126 0.73 -0.81 -30.58
C ARG A 126 -0.50 -0.66 -29.70
N GLU A 127 -0.57 -1.41 -28.60
CA GLU A 127 -1.74 -1.35 -27.72
C GLU A 127 -1.79 -0.07 -26.89
N ALA A 128 -0.69 0.62 -26.70
CA ALA A 128 -0.81 1.90 -26.01
C ALA A 128 -0.82 3.09 -26.97
N ASP A 129 -0.55 2.87 -28.25
CA ASP A 129 -0.51 3.97 -29.19
C ASP A 129 -1.92 4.33 -29.64
N ILE A 130 -2.38 5.51 -29.25
CA ILE A 130 -3.70 6.00 -29.63
C ILE A 130 -3.64 6.75 -30.95
N ASP A 131 -2.73 7.72 -31.05
CA ASP A 131 -2.61 8.52 -32.27
C ASP A 131 -2.09 7.70 -33.43
N GLY A 132 -1.51 6.53 -33.16
CA GLY A 132 -1.07 5.64 -34.22
C GLY A 132 0.20 6.09 -34.90
N ASP A 133 1.12 6.70 -34.17
CA ASP A 133 2.37 7.14 -34.75
C ASP A 133 3.49 6.16 -34.50
N GLY A 134 3.18 4.96 -34.03
CA GLY A 134 4.21 3.98 -33.76
C GLY A 134 5.05 4.25 -32.55
N GLN A 135 4.76 5.36 -31.86
CA GLN A 135 5.43 5.77 -30.65
C GLN A 135 4.40 6.06 -29.58
N VAL A 136 4.84 5.98 -28.34
CA VAL A 136 4.00 6.23 -27.18
C VAL A 136 4.47 7.55 -26.58
N ASN A 137 3.61 8.55 -26.63
CA ASN A 137 3.86 9.84 -25.98
C ASN A 137 3.44 9.81 -24.51
N TYR A 138 3.62 10.94 -23.84
CA TYR A 138 3.27 10.99 -22.42
C TYR A 138 1.78 10.78 -22.19
N GLU A 139 0.94 11.42 -22.99
CA GLU A 139 -0.50 11.29 -22.77
C GLU A 139 -0.93 9.84 -22.84
N GLU A 140 -0.50 9.14 -23.90
CA GLU A 140 -0.83 7.74 -24.07
C GLU A 140 -0.21 6.91 -22.96
N PHE A 141 0.95 7.34 -22.48
CA PHE A 141 1.55 6.60 -21.39
C PHE A 141 0.67 6.66 -20.16
N VAL A 142 0.16 7.85 -19.85
CA VAL A 142 -0.70 8.01 -18.68
C VAL A 142 -1.97 7.21 -18.85
N GLN A 143 -2.58 7.30 -20.03
CA GLN A 143 -3.80 6.56 -20.28
C GLN A 143 -3.63 5.08 -19.98
N MET A 144 -2.49 4.51 -20.38
CA MET A 144 -2.27 3.09 -20.09
C MET A 144 -2.03 2.85 -18.62
N MET A 145 -1.21 3.71 -18.00
CA MET A 145 -0.81 3.50 -16.62
C MET A 145 -1.98 3.52 -15.66
N THR A 146 -3.00 4.33 -15.94
CA THR A 146 -4.13 4.48 -15.02
C THR A 146 -5.38 3.77 -15.52
N ALA A 147 -5.23 2.81 -16.44
CA ALA A 147 -6.36 2.08 -17.00
C ALA A 147 -6.88 1.01 -16.05
N LYS A 148 -8.15 0.66 -16.22
CA LYS A 148 -8.82 -0.36 -15.41
C LYS A 148 -9.17 -1.62 -16.21
N TRP B 1 1.27 -2.03 -19.15
CA TRP B 1 2.35 -2.89 -19.60
C TRP B 1 2.81 -3.93 -18.58
N GLY B 2 2.06 -4.09 -17.48
CA GLY B 2 2.42 -5.06 -16.46
C GLY B 2 3.07 -4.38 -15.28
N GLN B 3 2.32 -4.31 -14.19
CA GLN B 3 2.76 -3.56 -13.02
C GLN B 3 3.90 -4.23 -12.27
N ARG B 4 4.24 -5.49 -12.58
CA ARG B 4 5.44 -6.04 -11.98
C ARG B 4 6.69 -5.48 -12.63
N ALA B 5 6.61 -5.10 -13.91
CA ALA B 5 7.73 -4.50 -14.62
C ALA B 5 7.67 -2.98 -14.62
N LEU B 6 6.51 -2.38 -14.86
CA LEU B 6 6.47 -0.91 -14.85
C LEU B 6 6.79 -0.37 -13.45
N GLN B 7 6.46 -1.16 -12.43
CA GLN B 7 6.97 -0.89 -11.10
C GLN B 7 8.49 -0.92 -11.11
N GLY B 8 9.07 -1.85 -11.85
CA GLY B 8 10.51 -1.87 -12.01
C GLY B 8 11.05 -0.57 -12.58
N ALA B 9 10.36 0.01 -13.58
CA ALA B 9 10.81 1.29 -14.09
C ALA B 9 10.77 2.35 -12.99
N GLN B 10 9.71 2.34 -12.17
CA GLN B 10 9.67 3.27 -11.05
C GLN B 10 10.87 3.07 -10.13
N ALA B 11 11.25 1.82 -9.89
CA ALA B 11 12.41 1.59 -9.00
C ALA B 11 13.73 1.96 -9.67
N VAL B 12 13.78 1.90 -10.99
CA VAL B 12 14.98 2.36 -11.68
C VAL B 12 15.14 3.87 -11.49
N ALA B 13 14.04 4.59 -11.61
CA ALA B 13 14.10 6.02 -11.36
C ALA B 13 14.48 6.31 -9.91
N ALA B 14 14.03 5.45 -8.98
CA ALA B 14 14.33 5.68 -7.57
C ALA B 14 15.81 5.49 -7.27
N ALA B 15 16.39 4.40 -7.79
CA ALA B 15 17.80 4.14 -7.60
C ALA B 15 18.64 5.23 -8.25
N GLN B 16 18.23 5.72 -9.41
CA GLN B 16 18.99 6.80 -10.05
C GLN B 16 18.97 8.05 -9.20
N ARG B 17 17.84 8.36 -8.57
CA ARG B 17 17.82 9.55 -7.71
C ARG B 17 18.76 9.37 -6.54
N LEU B 18 18.79 8.16 -5.97
CA LEU B 18 19.69 7.89 -4.86
C LEU B 18 21.15 8.05 -5.29
N VAL B 19 21.51 7.55 -6.48
CA VAL B 19 22.92 7.68 -6.88
C VAL B 19 23.26 9.14 -7.16
N HIS B 20 22.29 9.95 -7.59
CA HIS B 20 22.58 11.37 -7.74
C HIS B 20 22.81 12.02 -6.38
N ALA B 21 21.98 11.66 -5.40
CA ALA B 21 22.14 12.25 -4.08
C ALA B 21 23.48 11.90 -3.46
N ILE B 22 24.02 10.72 -3.78
CA ILE B 22 25.36 10.42 -3.25
C ILE B 22 26.45 11.14 -4.03
N ALA B 23 26.30 11.24 -5.35
CA ALA B 23 27.25 12.09 -6.08
C ALA B 23 27.18 13.55 -5.63
N LEU B 24 26.05 13.97 -5.05
CA LEU B 24 25.86 15.33 -4.56
C LEU B 24 25.54 15.39 -3.04
N GLN C 3 12.06 7.30 5.42
CA GLN C 3 13.33 6.82 4.87
C GLN C 3 14.32 6.25 5.89
N LEU C 4 15.39 5.65 5.35
CA LEU C 4 16.31 4.82 6.14
C LEU C 4 17.24 5.64 7.03
N THR C 5 17.34 5.20 8.28
CA THR C 5 18.14 5.86 9.30
C THR C 5 19.27 4.95 9.77
N GLU C 6 20.34 5.56 10.29
CA GLU C 6 21.50 4.80 10.77
C GLU C 6 21.17 3.87 11.93
N GLU C 7 20.23 4.24 12.80
CA GLU C 7 19.91 3.30 13.87
C GLU C 7 19.19 2.08 13.32
N GLN C 8 18.44 2.26 12.23
CA GLN C 8 17.83 1.09 11.57
C GLN C 8 18.92 0.18 11.04
N ILE C 9 19.92 0.75 10.36
CA ILE C 9 21.03 -0.05 9.85
C ILE C 9 21.74 -0.75 10.99
N ALA C 10 21.84 -0.10 12.14
CA ALA C 10 22.47 -0.72 13.29
C ALA C 10 21.72 -1.97 13.73
N GLU C 11 20.40 -1.87 13.76
CA GLU C 11 19.59 -3.03 14.12
C GLU C 11 19.70 -4.13 13.09
N PHE C 12 19.68 -3.77 11.80
CA PHE C 12 19.78 -4.75 10.74
C PHE C 12 21.09 -5.52 10.84
N LYS C 13 22.18 -4.78 11.08
CA LYS C 13 23.49 -5.40 11.17
C LYS C 13 23.55 -6.33 12.36
N GLU C 14 23.05 -5.89 13.51
CA GLU C 14 23.12 -6.77 14.67
C GLU C 14 22.31 -8.03 14.47
N ALA C 15 21.14 -7.94 13.85
CA ALA C 15 20.37 -9.16 13.65
C ALA C 15 21.08 -10.12 12.69
N PHE C 16 21.65 -9.57 11.61
CA PHE C 16 22.37 -10.42 10.67
C PHE C 16 23.52 -11.11 11.40
N SER C 17 24.19 -10.38 12.29
CA SER C 17 25.30 -10.93 13.07
C SER C 17 24.84 -11.94 14.12
N LEU C 18 23.63 -11.77 14.68
CA LEU C 18 23.12 -12.79 15.58
C LEU C 18 22.83 -14.08 14.85
N PHE C 19 22.60 -14.01 13.52
CA PHE C 19 22.55 -15.29 12.82
C PHE C 19 23.96 -15.74 12.40
N ASP C 20 24.69 -14.86 11.71
CA ASP C 20 26.02 -15.13 11.17
C ASP C 20 27.07 -15.11 12.30
N LYS C 21 26.98 -16.12 13.17
CA LYS C 21 27.80 -16.14 14.38
C LYS C 21 29.28 -16.20 14.05
N ASP C 22 29.65 -16.77 12.90
CA ASP C 22 31.07 -16.82 12.57
C ASP C 22 31.59 -15.53 11.94
N GLY C 23 30.74 -14.73 11.30
CA GLY C 23 31.19 -13.47 10.72
C GLY C 23 31.69 -13.53 9.30
N ASP C 24 31.41 -14.62 8.56
CA ASP C 24 31.87 -14.79 7.19
C ASP C 24 30.99 -14.06 6.17
N GLY C 25 29.98 -13.32 6.63
CA GLY C 25 29.07 -12.55 5.81
C GLY C 25 27.87 -13.29 5.29
N THR C 26 27.68 -14.56 5.64
CA THR C 26 26.55 -15.33 5.15
C THR C 26 25.93 -16.19 6.23
N ILE C 27 24.61 -16.30 6.17
CA ILE C 27 23.82 -17.06 7.13
C ILE C 27 23.59 -18.44 6.53
N THR C 28 24.26 -19.45 7.06
CA THR C 28 24.07 -20.79 6.54
C THR C 28 22.88 -21.46 7.23
N THR C 29 22.44 -22.59 6.65
CA THR C 29 21.31 -23.33 7.20
C THR C 29 21.60 -23.82 8.62
N LYS C 30 22.83 -24.25 8.87
CA LYS C 30 23.24 -24.71 10.19
C LYS C 30 23.05 -23.60 11.23
N GLU C 31 23.51 -22.40 10.88
CA GLU C 31 23.40 -21.25 11.77
C GLU C 31 21.92 -20.91 12.04
N LEU C 32 21.09 -20.95 10.99
CA LEU C 32 19.65 -20.77 11.17
C LEU C 32 19.07 -21.83 12.11
N GLY C 33 19.57 -23.06 12.01
CA GLY C 33 19.08 -24.13 12.84
C GLY C 33 19.36 -23.95 14.32
N THR C 34 20.61 -23.60 14.66
CA THR C 34 20.93 -23.49 16.08
C THR C 34 20.02 -22.50 16.79
N VAL C 35 19.71 -21.38 16.14
CA VAL C 35 18.84 -20.39 16.76
C VAL C 35 17.40 -20.84 16.69
N MET C 36 16.99 -21.48 15.60
CA MET C 36 15.63 -21.98 15.51
C MET C 36 15.33 -22.92 16.67
N ARG C 37 16.27 -23.84 16.94
CA ARG C 37 16.08 -24.78 18.03
C ARG C 37 16.09 -24.05 19.38
N SER C 38 17.11 -23.22 19.63
CA SER C 38 17.16 -22.52 20.91
C SER C 38 15.98 -21.57 21.15
N LEU C 39 15.22 -21.20 20.12
CA LEU C 39 14.08 -20.30 20.29
C LEU C 39 12.77 -20.89 19.75
N GLY C 40 12.50 -22.16 20.07
CA GLY C 40 11.26 -22.82 19.72
C GLY C 40 11.35 -24.12 18.93
N GLN C 41 10.70 -24.21 17.77
CA GLN C 41 10.64 -25.49 17.07
C GLN C 41 11.88 -25.72 16.20
N ASN C 42 12.14 -27.01 15.90
CA ASN C 42 13.34 -27.45 15.18
C ASN C 42 12.94 -28.06 13.84
N PRO C 43 12.66 -27.23 12.82
CA PRO C 43 12.29 -27.75 11.49
C PRO C 43 13.38 -28.55 10.80
N THR C 44 12.96 -29.34 9.81
CA THR C 44 13.90 -30.17 9.06
C THR C 44 14.74 -29.33 8.12
N GLU C 45 15.92 -29.88 7.76
CA GLU C 45 16.84 -29.16 6.90
C GLU C 45 16.24 -28.85 5.53
N ALA C 46 15.30 -29.66 5.03
CA ALA C 46 14.61 -29.31 3.80
C ALA C 46 13.73 -28.08 3.99
N GLU C 47 13.01 -28.02 5.10
CA GLU C 47 12.21 -26.83 5.40
C GLU C 47 13.13 -25.62 5.53
N LEU C 48 14.30 -25.81 6.13
CA LEU C 48 15.26 -24.71 6.28
C LEU C 48 15.70 -24.18 4.93
N GLN C 49 16.14 -25.08 4.05
CA GLN C 49 16.54 -24.63 2.73
C GLN C 49 15.38 -24.01 1.98
N ASP C 50 14.14 -24.46 2.22
CA ASP C 50 13.03 -23.75 1.58
C ASP C 50 13.01 -22.30 2.05
N MET C 51 13.27 -22.09 3.35
CA MET C 51 13.33 -20.72 3.85
C MET C 51 14.41 -19.94 3.12
N ILE C 52 15.56 -20.56 2.93
CA ILE C 52 16.65 -19.86 2.25
C ILE C 52 16.33 -19.64 0.78
N ASN C 53 15.66 -20.62 0.17
CA ASN C 53 15.36 -20.56 -1.25
C ASN C 53 14.48 -19.39 -1.58
N GLU C 54 13.56 -19.06 -0.68
CA GLU C 54 12.60 -18.00 -0.97
C GLU C 54 13.28 -16.65 -1.16
N VAL C 55 14.44 -16.45 -0.56
CA VAL C 55 15.16 -15.18 -0.65
C VAL C 55 16.50 -15.31 -1.36
N ASP C 56 16.81 -16.50 -1.90
CA ASP C 56 18.10 -16.82 -2.50
C ASP C 56 18.27 -16.23 -3.91
N ALA C 57 18.39 -14.91 -3.99
CA ALA C 57 18.57 -14.26 -5.29
C ALA C 57 19.78 -14.81 -6.04
N ASP C 58 20.92 -14.99 -5.36
CA ASP C 58 22.10 -15.44 -6.08
C ASP C 58 22.12 -16.96 -6.26
N GLY C 59 21.34 -17.68 -5.47
CA GLY C 59 21.22 -19.12 -5.57
C GLY C 59 22.32 -19.93 -4.92
N ASN C 60 23.17 -19.34 -4.08
CA ASN C 60 24.18 -20.16 -3.44
C ASN C 60 23.52 -20.82 -2.24
N GLY C 61 24.27 -21.59 -1.45
CA GLY C 61 23.57 -22.26 -0.36
C GLY C 61 23.11 -21.41 0.82
N THR C 62 23.43 -20.11 0.87
CA THR C 62 23.21 -19.28 2.05
C THR C 62 22.63 -17.91 1.72
N ILE C 63 22.33 -17.17 2.80
CA ILE C 63 21.69 -15.85 2.76
C ILE C 63 22.70 -14.79 3.13
N ASP C 64 22.92 -13.83 2.22
CA ASP C 64 23.78 -12.68 2.47
C ASP C 64 22.93 -11.54 3.02
N PHE C 65 23.57 -10.39 3.22
CA PHE C 65 22.87 -9.27 3.86
C PHE C 65 21.66 -8.79 3.07
N PRO C 66 21.78 -8.34 1.81
CA PRO C 66 20.57 -7.85 1.11
C PRO C 66 19.49 -8.92 0.99
N GLU C 67 19.89 -10.18 0.91
CA GLU C 67 18.89 -11.24 0.91
C GLU C 67 18.24 -11.35 2.27
N PHE C 68 18.99 -11.08 3.34
CA PHE C 68 18.42 -11.11 4.67
C PHE C 68 17.45 -9.95 4.86
N LEU C 69 17.71 -8.81 4.22
CA LEU C 69 16.75 -7.69 4.28
C LEU C 69 15.46 -8.04 3.58
N THR C 70 15.57 -8.68 2.41
CA THR C 70 14.36 -9.14 1.74
C THR C 70 13.61 -10.14 2.62
N MET C 71 14.33 -11.10 3.21
CA MET C 71 13.70 -12.04 4.12
C MET C 71 12.94 -11.33 5.23
N MET C 72 13.58 -10.34 5.85
CA MET C 72 12.95 -9.59 6.92
C MET C 72 11.70 -8.86 6.44
N ALA C 73 11.81 -8.13 5.34
CA ALA C 73 10.67 -7.34 4.89
C ALA C 73 9.47 -8.24 4.59
N ARG C 74 9.73 -9.46 4.09
CA ARG C 74 8.61 -10.34 3.79
C ARG C 74 7.96 -10.83 5.07
N LYS C 75 8.77 -11.21 6.07
CA LYS C 75 8.14 -11.69 7.29
C LYS C 75 7.35 -10.60 7.95
N MET C 76 7.87 -9.37 7.93
CA MET C 76 7.17 -8.26 8.56
C MET C 76 5.83 -8.04 7.87
N LYS C 77 5.83 -7.95 6.54
CA LYS C 77 4.59 -7.75 5.83
C LYS C 77 3.62 -8.90 6.09
N ASP C 78 4.12 -10.13 6.09
CA ASP C 78 3.27 -11.30 6.34
C ASP C 78 2.58 -11.21 7.68
N THR C 79 3.31 -10.83 8.71
CA THR C 79 2.69 -10.75 10.02
C THR C 79 1.80 -9.51 10.16
N ASP C 80 2.04 -8.48 9.35
CA ASP C 80 1.13 -7.34 9.31
C ASP C 80 -0.23 -7.75 8.78
N SER C 81 -0.21 -8.57 7.73
CA SER C 81 -1.44 -9.07 7.14
C SER C 81 -2.15 -9.99 8.12
N GLU C 82 -1.40 -10.93 8.70
CA GLU C 82 -1.97 -11.91 9.62
C GLU C 82 -2.59 -11.20 10.82
N GLU C 83 -2.05 -10.04 11.19
CA GLU C 83 -2.62 -9.34 12.33
C GLU C 83 -3.84 -8.49 11.95
N GLU C 84 -3.88 -7.89 10.75
CA GLU C 84 -5.10 -7.18 10.37
C GLU C 84 -6.28 -8.15 10.28
N ILE C 85 -6.01 -9.38 9.84
CA ILE C 85 -7.07 -10.38 9.76
C ILE C 85 -7.50 -10.81 11.15
N ARG C 86 -6.53 -11.03 12.06
CA ARG C 86 -6.91 -11.39 13.43
C ARG C 86 -7.77 -10.29 14.06
N GLU C 87 -7.43 -9.03 13.78
CA GLU C 87 -8.19 -7.93 14.38
C GLU C 87 -9.60 -7.87 13.83
N ALA C 88 -9.76 -8.04 12.52
CA ALA C 88 -11.12 -8.04 11.99
C ALA C 88 -11.91 -9.18 12.57
N PHE C 89 -11.33 -10.38 12.63
CA PHE C 89 -12.01 -11.50 13.24
C PHE C 89 -12.45 -11.17 14.66
N ARG C 90 -11.58 -10.52 15.44
CA ARG C 90 -11.98 -10.18 16.79
C ARG C 90 -13.11 -9.17 16.82
N VAL C 91 -13.25 -8.36 15.78
CA VAL C 91 -14.38 -7.44 15.74
C VAL C 91 -15.67 -8.20 15.43
N PHE C 92 -15.59 -9.18 14.54
CA PHE C 92 -16.75 -10.00 14.22
C PHE C 92 -17.13 -10.94 15.35
N ASP C 93 -16.15 -11.55 16.02
CA ASP C 93 -16.44 -12.49 17.12
C ASP C 93 -16.71 -11.71 18.42
N LYS C 94 -17.88 -11.06 18.45
CA LYS C 94 -18.28 -10.19 19.55
C LYS C 94 -18.14 -10.80 20.95
N ASP C 95 -18.12 -12.13 21.09
CA ASP C 95 -18.02 -12.74 22.41
C ASP C 95 -16.66 -13.36 22.72
N GLY C 96 -15.79 -13.52 21.72
CA GLY C 96 -14.50 -14.12 21.96
C GLY C 96 -14.49 -15.63 22.04
N ASN C 97 -15.63 -16.28 21.80
CA ASN C 97 -15.69 -17.74 21.84
C ASN C 97 -14.97 -18.40 20.66
N GLY C 98 -14.47 -17.62 19.71
CA GLY C 98 -13.81 -18.17 18.55
C GLY C 98 -14.73 -18.54 17.40
N TYR C 99 -16.03 -18.29 17.53
CA TYR C 99 -16.98 -18.60 16.47
C TYR C 99 -17.82 -17.37 16.18
N ILE C 100 -17.99 -17.04 14.91
CA ILE C 100 -18.84 -15.94 14.50
C ILE C 100 -20.23 -16.50 14.23
N SER C 101 -21.20 -16.07 15.02
CA SER C 101 -22.56 -16.48 14.80
C SER C 101 -23.26 -15.51 13.84
N ALA C 102 -24.42 -15.94 13.35
CA ALA C 102 -25.19 -15.12 12.43
C ALA C 102 -25.65 -13.81 13.07
N ALA C 103 -26.03 -13.86 14.35
CA ALA C 103 -26.44 -12.64 15.06
C ALA C 103 -25.28 -11.66 15.16
N GLU C 104 -24.08 -12.16 15.44
CA GLU C 104 -22.93 -11.30 15.55
C GLU C 104 -22.62 -10.66 14.21
N LEU C 105 -22.70 -11.43 13.12
CA LEU C 105 -22.46 -10.84 11.81
C LEU C 105 -23.51 -9.79 11.48
N ARG C 106 -24.79 -10.07 11.75
CA ARG C 106 -25.82 -9.07 11.49
C ARG C 106 -25.54 -7.82 12.30
N HIS C 107 -25.12 -8.01 13.55
CA HIS C 107 -24.91 -6.88 14.45
C HIS C 107 -23.77 -6.01 13.94
N VAL C 108 -22.64 -6.64 13.64
CA VAL C 108 -21.50 -5.90 13.13
C VAL C 108 -21.83 -5.21 11.81
N MET C 109 -22.47 -5.94 10.89
CA MET C 109 -22.77 -5.36 9.57
C MET C 109 -23.66 -4.14 9.69
N THR C 110 -24.71 -4.21 10.50
CA THR C 110 -25.54 -3.02 10.66
C THR C 110 -24.82 -1.93 11.44
N ASN C 111 -23.86 -2.29 12.30
CA ASN C 111 -23.06 -1.28 13.00
C ASN C 111 -22.22 -0.49 12.02
N LEU C 112 -21.66 -1.15 11.02
CA LEU C 112 -20.82 -0.49 10.04
C LEU C 112 -21.63 0.29 9.01
N GLY C 113 -22.94 0.10 8.96
CA GLY C 113 -23.77 0.78 7.99
C GLY C 113 -24.31 -0.13 6.90
N GLU C 114 -23.72 -1.32 6.71
CA GLU C 114 -24.14 -2.25 5.66
C GLU C 114 -25.57 -2.73 5.88
N LYS C 115 -26.50 -2.25 5.05
CA LYS C 115 -27.91 -2.60 5.17
C LYS C 115 -28.16 -3.92 4.44
N LEU C 116 -27.67 -5.00 5.06
CA LEU C 116 -27.87 -6.33 4.53
C LEU C 116 -29.06 -7.00 5.22
N THR C 117 -29.83 -7.74 4.44
CA THR C 117 -30.97 -8.49 4.92
C THR C 117 -30.51 -9.74 5.66
N ASP C 118 -31.46 -10.37 6.36
CA ASP C 118 -31.15 -11.57 7.14
C ASP C 118 -30.58 -12.69 6.25
N GLU C 119 -31.19 -12.93 5.09
CA GLU C 119 -30.71 -13.99 4.21
C GLU C 119 -29.33 -13.69 3.64
N GLU C 120 -28.98 -12.40 3.49
CA GLU C 120 -27.65 -12.07 2.96
C GLU C 120 -26.55 -12.47 3.94
N VAL C 121 -26.80 -12.31 5.24
CA VAL C 121 -25.79 -12.75 6.19
C VAL C 121 -25.84 -14.27 6.39
N ASP C 122 -27.02 -14.89 6.26
CA ASP C 122 -27.06 -16.35 6.27
C ASP C 122 -26.27 -16.94 5.11
N GLU C 123 -26.29 -16.24 3.98
CA GLU C 123 -25.50 -16.65 2.83
C GLU C 123 -24.01 -16.43 3.09
N MET C 124 -23.65 -15.30 3.68
CA MET C 124 -22.25 -15.04 4.01
C MET C 124 -21.72 -16.13 4.96
N ILE C 125 -22.51 -16.46 6.00
CA ILE C 125 -22.12 -17.49 6.96
C ILE C 125 -21.98 -18.85 6.28
N ARG C 126 -22.95 -19.21 5.45
CA ARG C 126 -22.89 -20.50 4.80
C ARG C 126 -21.72 -20.59 3.84
N GLU C 127 -21.41 -19.52 3.11
CA GLU C 127 -20.34 -19.61 2.13
C GLU C 127 -18.96 -19.62 2.78
N ALA C 128 -18.82 -19.15 4.03
CA ALA C 128 -17.53 -19.28 4.68
C ALA C 128 -17.42 -20.47 5.63
N ASP C 129 -18.53 -21.15 5.92
CA ASP C 129 -18.52 -22.28 6.85
C ASP C 129 -18.01 -23.55 6.15
N ILE C 130 -16.84 -24.02 6.58
CA ILE C 130 -16.28 -25.25 6.02
C ILE C 130 -16.77 -26.48 6.79
N ASP C 131 -16.60 -26.50 8.11
CA ASP C 131 -17.01 -27.66 8.90
C ASP C 131 -18.53 -27.80 8.98
N GLY C 132 -19.28 -26.74 8.68
CA GLY C 132 -20.72 -26.88 8.66
C GLY C 132 -21.38 -26.89 10.02
N ASP C 133 -20.85 -26.11 10.97
CA ASP C 133 -21.44 -26.01 12.29
C ASP C 133 -22.31 -24.77 12.42
N GLY C 134 -22.63 -24.11 11.31
CA GLY C 134 -23.44 -22.91 11.33
C GLY C 134 -22.72 -21.66 11.82
N GLN C 135 -21.45 -21.79 12.18
CA GLN C 135 -20.62 -20.70 12.65
C GLN C 135 -19.33 -20.68 11.85
N VAL C 136 -18.67 -19.53 11.85
CA VAL C 136 -17.38 -19.35 11.20
C VAL C 136 -16.32 -19.18 12.29
N ASN C 137 -15.44 -20.15 12.41
CA ASN C 137 -14.34 -20.05 13.35
C ASN C 137 -13.20 -19.25 12.72
N TYR C 138 -12.10 -19.15 13.47
CA TYR C 138 -10.97 -18.38 13.00
C TYR C 138 -10.42 -18.91 11.68
N GLU C 139 -10.26 -20.24 11.57
CA GLU C 139 -9.61 -20.83 10.40
C GLU C 139 -10.33 -20.49 9.11
N GLU C 140 -11.64 -20.73 9.05
CA GLU C 140 -12.39 -20.41 7.84
C GLU C 140 -12.51 -18.92 7.65
N PHE C 141 -12.46 -18.15 8.73
CA PHE C 141 -12.42 -16.71 8.53
C PHE C 141 -11.18 -16.32 7.76
N VAL C 142 -10.03 -16.89 8.13
CA VAL C 142 -8.80 -16.59 7.41
C VAL C 142 -8.92 -17.04 5.97
N GLN C 143 -9.44 -18.25 5.77
CA GLN C 143 -9.63 -18.78 4.41
C GLN C 143 -10.40 -17.79 3.56
N MET C 144 -11.41 -17.15 4.15
CA MET C 144 -12.16 -16.15 3.40
C MET C 144 -11.35 -14.88 3.17
N MET C 145 -10.63 -14.44 4.20
CA MET C 145 -9.89 -13.18 4.12
C MET C 145 -8.80 -13.18 3.06
N THR C 146 -8.14 -14.31 2.84
CA THR C 146 -7.03 -14.38 1.92
C THR C 146 -7.43 -15.03 0.60
N ALA C 147 -8.73 -15.05 0.30
CA ALA C 147 -9.26 -15.63 -0.93
C ALA C 147 -9.10 -14.66 -2.11
N LYS C 148 -9.08 -15.23 -3.31
CA LYS C 148 -8.92 -14.46 -4.53
C LYS C 148 -10.21 -14.44 -5.34
N TRP D 1 -16.23 -10.79 2.32
CA TRP D 1 -17.48 -10.13 2.74
C TRP D 1 -17.55 -8.69 2.26
N GLY D 2 -16.66 -8.33 1.35
CA GLY D 2 -16.63 -6.97 0.87
C GLY D 2 -15.49 -6.22 1.51
N GLN D 3 -14.52 -5.79 0.70
CA GLN D 3 -13.36 -5.12 1.25
C GLN D 3 -13.73 -3.79 1.90
N ARG D 4 -14.95 -3.30 1.65
CA ARG D 4 -15.49 -2.12 2.33
C ARG D 4 -15.79 -2.44 3.78
N ALA D 5 -16.25 -3.66 4.01
CA ALA D 5 -16.61 -4.09 5.35
C ALA D 5 -15.36 -4.51 6.10
N LEU D 6 -14.42 -5.15 5.40
CA LEU D 6 -13.18 -5.51 6.07
C LEU D 6 -12.36 -4.28 6.45
N GLN D 7 -12.35 -3.24 5.60
CA GLN D 7 -11.70 -1.98 5.99
C GLN D 7 -12.42 -1.31 7.16
N GLY D 8 -13.76 -1.28 7.13
CA GLY D 8 -14.47 -0.72 8.26
C GLY D 8 -14.16 -1.44 9.56
N ALA D 9 -14.17 -2.78 9.53
CA ALA D 9 -13.86 -3.55 10.73
C ALA D 9 -12.42 -3.33 11.19
N GLN D 10 -11.49 -3.32 10.25
CA GLN D 10 -10.10 -3.05 10.60
C GLN D 10 -9.95 -1.68 11.24
N ALA D 11 -10.66 -0.68 10.72
CA ALA D 11 -10.56 0.64 11.30
C ALA D 11 -11.23 0.71 12.64
N VAL D 12 -12.26 -0.12 12.86
CA VAL D 12 -12.90 -0.17 14.17
C VAL D 12 -11.93 -0.74 15.20
N ALA D 13 -11.23 -1.81 14.83
CA ALA D 13 -10.26 -2.39 15.74
C ALA D 13 -9.13 -1.41 16.02
N ALA D 14 -8.74 -0.62 15.01
CA ALA D 14 -7.66 0.34 15.21
C ALA D 14 -8.10 1.47 16.13
N ALA D 15 -9.32 1.97 15.93
CA ALA D 15 -9.84 3.03 16.79
C ALA D 15 -10.02 2.54 18.22
N GLN D 16 -10.47 1.28 18.38
CA GLN D 16 -10.58 0.72 19.72
C GLN D 16 -9.22 0.71 20.38
N ARG D 17 -8.17 0.40 19.61
CA ARG D 17 -6.84 0.40 20.20
C ARG D 17 -6.40 1.82 20.57
N LEU D 18 -6.75 2.80 19.74
CA LEU D 18 -6.37 4.18 20.04
C LEU D 18 -7.00 4.65 21.34
N VAL D 19 -8.29 4.35 21.53
CA VAL D 19 -8.94 4.80 22.75
C VAL D 19 -8.35 4.06 23.95
N HIS D 20 -7.89 2.82 23.76
CA HIS D 20 -7.24 2.13 24.86
C HIS D 20 -5.92 2.80 25.24
N ALA D 21 -5.14 3.20 24.23
CA ALA D 21 -3.87 3.88 24.48
C ALA D 21 -4.08 5.22 25.18
N ILE D 22 -5.20 5.89 24.89
CA ILE D 22 -5.44 7.18 25.52
C ILE D 22 -5.89 7.01 26.96
N ALA D 23 -6.73 6.02 27.26
CA ALA D 23 -7.05 5.77 28.65
C ALA D 23 -5.83 5.34 29.44
N LEU D 24 -4.81 4.78 28.77
CA LEU D 24 -3.56 4.42 29.44
C LEU D 24 -2.88 5.67 29.94
#